data_7ZV6
#
_entry.id   7ZV6
#
_cell.length_a   157.456
_cell.length_b   52.776
_cell.length_c   61.470
_cell.angle_alpha   90.000
_cell.angle_beta   108.632
_cell.angle_gamma   90.000
#
_symmetry.space_group_name_H-M   'C 1 2 1'
#
loop_
_entity.id
_entity.type
_entity.pdbx_description
1 polymer 'Protein 2A'
2 water water
#
_entity_poly.entity_id   1
_entity_poly.type   'polypeptide(L)'
_entity_poly.pdbx_seq_one_letter_code
;GPGGAASATPDVDPDDRVYIVRAQRPTYVHWAIRKVAPDGSAKQISLSRSGIQALVALEPPEGEPYLEILPSHWTLAELQ
LGNKWEYSATNNCTHFVSSITGESLPNTGFSLALGIGALTAIAASAAVAVKALPGIRRQ
;
_entity_poly.pdbx_strand_id   B,A,C
#
# COMPACT_ATOMS: atom_id res chain seq x y z
N ALA A 8 -20.44 -26.10 -3.71
CA ALA A 8 -21.85 -26.56 -3.73
C ALA A 8 -22.25 -27.02 -2.32
N THR A 9 -21.96 -28.29 -2.00
CA THR A 9 -22.28 -28.85 -0.69
C THR A 9 -21.26 -28.36 0.34
N PRO A 10 -21.50 -28.52 1.66
CA PRO A 10 -20.47 -28.31 2.66
C PRO A 10 -19.26 -29.23 2.47
N ASP A 11 -19.53 -30.51 2.18
CA ASP A 11 -18.47 -31.51 2.07
C ASP A 11 -17.77 -31.35 0.71
N VAL A 12 -16.55 -31.92 0.62
CA VAL A 12 -15.67 -31.73 -0.52
C VAL A 12 -16.15 -32.57 -1.70
N ASP A 13 -16.13 -31.97 -2.90
CA ASP A 13 -16.45 -32.65 -4.14
C ASP A 13 -15.18 -33.33 -4.65
N PRO A 14 -15.27 -34.51 -5.32
CA PRO A 14 -14.09 -35.28 -5.71
C PRO A 14 -13.10 -34.60 -6.66
N ASP A 15 -13.57 -33.60 -7.42
CA ASP A 15 -12.74 -32.90 -8.40
C ASP A 15 -12.25 -31.57 -7.85
N ASP A 16 -12.59 -31.25 -6.58
CA ASP A 16 -12.13 -30.03 -5.95
C ASP A 16 -10.65 -30.15 -5.61
N ARG A 17 -9.94 -29.01 -5.69
CA ARG A 17 -8.51 -28.94 -5.39
C ARG A 17 -8.29 -27.86 -4.33
N VAL A 18 -7.47 -28.19 -3.33
CA VAL A 18 -7.26 -27.32 -2.18
C VAL A 18 -5.80 -26.88 -2.15
N TYR A 19 -5.57 -25.61 -1.80
CA TYR A 19 -4.24 -25.03 -1.79
C TYR A 19 -4.03 -24.24 -0.49
N ILE A 20 -2.78 -24.12 -0.07
CA ILE A 20 -2.34 -23.02 0.78
C ILE A 20 -2.09 -21.82 -0.12
N VAL A 21 -2.51 -20.63 0.32
CA VAL A 21 -2.29 -19.41 -0.45
C VAL A 21 -1.61 -18.39 0.44
N ARG A 22 -0.81 -17.52 -0.21
CA ARG A 22 0.01 -16.54 0.46
C ARG A 22 -0.30 -15.16 -0.13
N ALA A 23 -0.73 -14.23 0.74
CA ALA A 23 -1.02 -12.86 0.33
C ALA A 23 -0.11 -11.90 1.09
N GLN A 24 0.95 -11.43 0.41
CA GLN A 24 1.85 -10.45 0.97
C GLN A 24 1.11 -9.13 1.14
N ARG A 25 0.98 -8.68 2.39
CA ARG A 25 0.49 -7.34 2.70
C ARG A 25 1.69 -6.51 3.15
N PRO A 26 1.57 -5.17 3.32
CA PRO A 26 2.72 -4.33 3.65
C PRO A 26 3.51 -4.74 4.88
N THR A 27 2.80 -4.92 6.00
CA THR A 27 3.43 -5.08 7.31
C THR A 27 3.49 -6.54 7.73
N TYR A 28 2.82 -7.44 6.99
CA TYR A 28 2.82 -8.86 7.32
C TYR A 28 2.36 -9.68 6.11
N VAL A 29 2.31 -11.00 6.29
CA VAL A 29 1.90 -11.93 5.25
C VAL A 29 0.62 -12.64 5.69
N HIS A 30 -0.40 -12.63 4.81
CA HIS A 30 -1.67 -13.29 5.09
C HIS A 30 -1.69 -14.71 4.52
N TRP A 31 -1.68 -15.70 5.42
CA TRP A 31 -1.78 -17.10 5.06
C TRP A 31 -3.24 -17.56 5.14
N ALA A 32 -3.65 -18.41 4.19
CA ALA A 32 -5.03 -18.89 4.13
C ALA A 32 -5.07 -20.24 3.40
N ILE A 33 -6.22 -20.90 3.46
CA ILE A 33 -6.45 -22.15 2.74
C ILE A 33 -7.64 -21.94 1.81
N ARG A 34 -7.47 -22.31 0.53
CA ARG A 34 -8.47 -22.08 -0.51
C ARG A 34 -8.87 -23.41 -1.13
N LYS A 35 -10.15 -23.54 -1.48
CA LYS A 35 -10.65 -24.67 -2.25
C LYS A 35 -11.23 -24.17 -3.57
N VAL A 36 -10.66 -24.64 -4.69
CA VAL A 36 -11.10 -24.27 -6.02
C VAL A 36 -11.90 -25.43 -6.60
N ALA A 37 -13.02 -25.11 -7.25
CA ALA A 37 -13.91 -26.11 -7.84
C ALA A 37 -13.68 -26.19 -9.35
N PRO A 38 -14.25 -27.20 -10.04
CA PRO A 38 -14.07 -27.36 -11.49
C PRO A 38 -14.52 -26.16 -12.33
N ASP A 39 -15.60 -25.49 -11.89
CA ASP A 39 -16.18 -24.40 -12.66
C ASP A 39 -15.36 -23.12 -12.47
N GLY A 40 -14.50 -23.09 -11.45
CA GLY A 40 -13.57 -21.98 -11.24
C GLY A 40 -13.85 -21.22 -9.95
N SER A 41 -15.04 -21.44 -9.35
CA SER A 41 -15.42 -20.79 -8.11
C SER A 41 -14.50 -21.25 -6.98
N ALA A 42 -14.25 -20.35 -6.02
CA ALA A 42 -13.31 -20.61 -4.95
C ALA A 42 -13.86 -20.11 -3.62
N LYS A 43 -13.55 -20.87 -2.55
CA LYS A 43 -13.80 -20.44 -1.18
C LYS A 43 -12.44 -20.40 -0.47
N GLN A 44 -12.35 -19.58 0.58
CA GLN A 44 -11.08 -19.38 1.28
C GLN A 44 -11.36 -19.14 2.77
N ILE A 45 -10.57 -19.81 3.62
CA ILE A 45 -10.71 -19.69 5.06
C ILE A 45 -9.37 -19.25 5.67
N SER A 46 -9.46 -18.35 6.65
CA SER A 46 -8.32 -17.93 7.44
C SER A 46 -8.82 -17.30 8.75
N LEU A 47 -8.04 -16.35 9.29
CA LEU A 47 -8.44 -15.63 10.49
C LEU A 47 -8.92 -14.23 10.11
N SER A 48 -10.15 -13.90 10.56
CA SER A 48 -10.65 -12.54 10.57
C SER A 48 -10.82 -12.10 12.01
N ARG A 49 -11.44 -10.93 12.24
CA ARG A 49 -11.68 -10.44 13.59
C ARG A 49 -13.10 -9.88 13.70
N SER A 50 -13.65 -9.94 14.92
CA SER A 50 -14.82 -9.17 15.29
C SER A 50 -14.46 -8.34 16.52
N GLY A 51 -14.28 -7.02 16.31
CA GLY A 51 -13.72 -6.16 17.34
C GLY A 51 -12.21 -6.37 17.46
N ILE A 52 -11.76 -6.80 18.65
CA ILE A 52 -10.36 -7.15 18.86
C ILE A 52 -10.25 -8.66 19.05
N GLN A 53 -11.33 -9.39 18.75
CA GLN A 53 -11.37 -10.84 18.92
C GLN A 53 -11.22 -11.51 17.56
N ALA A 54 -10.12 -12.25 17.38
CA ALA A 54 -9.89 -13.00 16.16
C ALA A 54 -10.73 -14.28 16.17
N LEU A 55 -11.15 -14.71 14.97
CA LEU A 55 -11.88 -15.96 14.82
C LEU A 55 -11.64 -16.52 13.43
N VAL A 56 -11.94 -17.81 13.25
CA VAL A 56 -11.81 -18.49 11.97
C VAL A 56 -13.05 -18.17 11.14
N ALA A 57 -12.83 -17.71 9.89
CA ALA A 57 -13.91 -17.24 9.05
C ALA A 57 -13.58 -17.39 7.58
N LEU A 58 -14.63 -17.50 6.76
CA LEU A 58 -14.52 -17.43 5.32
C LEU A 58 -14.13 -16.02 4.90
N GLU A 59 -13.49 -15.91 3.72
CA GLU A 59 -13.06 -14.62 3.19
C GLU A 59 -13.02 -14.71 1.67
N PRO A 60 -13.07 -13.57 0.94
CA PRO A 60 -12.90 -13.57 -0.51
C PRO A 60 -11.52 -14.10 -0.90
N PRO A 61 -11.40 -14.93 -1.97
CA PRO A 61 -10.11 -15.41 -2.45
C PRO A 61 -9.09 -14.29 -2.66
N GLU A 62 -7.86 -14.51 -2.18
CA GLU A 62 -6.83 -13.50 -2.16
C GLU A 62 -5.47 -14.17 -2.00
N GLY A 63 -4.46 -13.66 -2.72
CA GLY A 63 -3.10 -14.15 -2.62
C GLY A 63 -2.80 -15.20 -3.69
N GLU A 64 -1.55 -15.69 -3.69
CA GLU A 64 -1.04 -16.54 -4.74
C GLU A 64 -0.90 -17.97 -4.20
N PRO A 65 -1.20 -19.01 -5.02
CA PRO A 65 -1.00 -20.39 -4.60
C PRO A 65 0.43 -20.64 -4.12
N TYR A 66 0.54 -21.21 -2.90
CA TYR A 66 1.82 -21.47 -2.25
C TYR A 66 2.18 -22.95 -2.39
N LEU A 67 1.22 -23.81 -2.03
CA LEU A 67 1.40 -25.26 -2.08
C LEU A 67 0.03 -25.92 -2.21
N GLU A 68 -0.06 -26.98 -3.02
CA GLU A 68 -1.29 -27.74 -3.14
C GLU A 68 -1.26 -28.89 -2.13
N ILE A 69 -2.43 -29.18 -1.55
CA ILE A 69 -2.57 -30.16 -0.49
C ILE A 69 -3.75 -31.08 -0.81
N LEU A 70 -3.91 -32.14 -0.01
CA LEU A 70 -5.00 -33.08 -0.19
C LEU A 70 -6.32 -32.42 0.20
N PRO A 71 -7.43 -32.69 -0.52
CA PRO A 71 -8.71 -32.01 -0.28
C PRO A 71 -9.26 -32.14 1.14
N SER A 72 -9.00 -33.28 1.79
CA SER A 72 -9.57 -33.58 3.10
C SER A 72 -9.10 -32.57 4.15
N HIS A 73 -8.00 -31.85 3.87
CA HIS A 73 -7.54 -30.76 4.72
C HIS A 73 -8.56 -29.63 4.84
N TRP A 74 -9.33 -29.40 3.77
CA TRP A 74 -10.36 -28.37 3.74
C TRP A 74 -11.37 -28.59 4.87
N THR A 75 -11.77 -29.86 5.07
CA THR A 75 -12.80 -30.20 6.03
C THR A 75 -12.37 -29.77 7.44
N LEU A 76 -11.08 -29.94 7.75
CA LEU A 76 -10.56 -29.56 9.06
C LEU A 76 -10.77 -28.06 9.30
N ALA A 77 -10.45 -27.25 8.29
CA ALA A 77 -10.56 -25.80 8.37
C ALA A 77 -12.04 -25.39 8.42
N GLU A 78 -12.87 -26.14 7.70
CA GLU A 78 -14.30 -25.87 7.63
C GLU A 78 -14.95 -26.13 8.99
N LEU A 79 -14.44 -27.13 9.72
CA LEU A 79 -14.97 -27.52 11.01
C LEU A 79 -14.58 -26.54 12.11
N GLN A 80 -13.62 -25.65 11.85
CA GLN A 80 -13.18 -24.70 12.84
C GLN A 80 -13.79 -23.31 12.59
N LEU A 81 -14.69 -23.20 11.60
CA LEU A 81 -15.36 -21.95 11.31
C LEU A 81 -16.16 -21.50 12.52
N GLY A 82 -15.81 -20.34 13.08
CA GLY A 82 -16.49 -19.80 14.23
C GLY A 82 -15.62 -19.82 15.48
N ASN A 83 -14.66 -20.76 15.53
CA ASN A 83 -13.74 -20.88 16.65
C ASN A 83 -13.08 -19.52 16.89
N LYS A 84 -12.95 -19.17 18.18
CA LYS A 84 -12.27 -17.96 18.58
C LYS A 84 -10.78 -18.25 18.69
N TRP A 85 -9.95 -17.24 18.43
CA TRP A 85 -8.51 -17.43 18.26
C TRP A 85 -7.77 -16.41 19.11
N GLU A 86 -6.79 -16.90 19.90
CA GLU A 86 -5.91 -16.05 20.68
C GLU A 86 -4.77 -15.55 19.79
N TYR A 87 -4.97 -14.37 19.19
CA TYR A 87 -4.05 -13.82 18.21
C TYR A 87 -2.83 -13.23 18.94
N SER A 88 -1.63 -13.58 18.47
CA SER A 88 -0.39 -13.09 19.04
C SER A 88 0.75 -13.27 18.04
N ALA A 89 1.96 -12.88 18.45
CA ALA A 89 3.15 -13.04 17.64
C ALA A 89 3.44 -14.52 17.39
N THR A 90 3.13 -15.37 18.38
CA THR A 90 3.41 -16.79 18.32
C THR A 90 2.15 -17.59 18.00
N ASN A 91 1.08 -16.92 17.58
CA ASN A 91 -0.18 -17.57 17.27
C ASN A 91 -0.99 -16.66 16.34
N ASN A 92 -0.93 -16.95 15.03
CA ASN A 92 -1.45 -16.05 14.01
C ASN A 92 -1.90 -16.87 12.80
N CYS A 93 -2.00 -16.21 11.63
CA CYS A 93 -2.41 -16.84 10.39
C CYS A 93 -1.56 -18.08 10.11
N THR A 94 -0.25 -17.92 10.28
CA THR A 94 0.73 -18.97 10.01
C THR A 94 0.35 -20.24 10.79
N HIS A 95 0.10 -20.07 12.09
CA HIS A 95 -0.16 -21.19 12.98
C HIS A 95 -1.52 -21.85 12.74
N PHE A 96 -2.48 -21.08 12.23
CA PHE A 96 -3.77 -21.62 11.85
C PHE A 96 -3.60 -22.65 10.73
N VAL A 97 -2.82 -22.28 9.70
CA VAL A 97 -2.69 -23.08 8.49
C VAL A 97 -1.74 -24.27 8.75
N SER A 98 -0.73 -24.06 9.61
CA SER A 98 0.21 -25.12 9.95
C SER A 98 -0.49 -26.26 10.67
N SER A 99 -1.35 -25.92 11.64
CA SER A 99 -2.07 -26.91 12.44
C SER A 99 -3.01 -27.74 11.55
N ILE A 100 -3.58 -27.10 10.52
CA ILE A 100 -4.49 -27.77 9.60
C ILE A 100 -3.71 -28.67 8.66
N THR A 101 -2.77 -28.07 7.92
CA THR A 101 -2.10 -28.72 6.81
C THR A 101 -0.98 -29.63 7.29
N GLY A 102 -0.30 -29.22 8.38
CA GLY A 102 0.86 -29.94 8.88
C GLY A 102 2.10 -29.69 8.03
N GLU A 103 2.11 -28.53 7.34
CA GLU A 103 3.27 -28.08 6.59
C GLU A 103 3.90 -26.92 7.38
N SER A 104 5.24 -26.86 7.38
CA SER A 104 5.97 -25.86 8.13
C SER A 104 6.02 -24.55 7.35
N LEU A 105 5.34 -23.52 7.89
CA LEU A 105 5.34 -22.19 7.32
C LEU A 105 6.26 -21.29 8.15
N PRO A 106 6.93 -20.28 7.54
CA PRO A 106 7.67 -19.28 8.29
C PRO A 106 6.74 -18.30 9.00
N ASN A 107 7.10 -17.92 10.23
CA ASN A 107 6.26 -17.09 11.08
C ASN A 107 6.32 -15.63 10.62
N THR A 108 5.57 -15.33 9.54
CA THR A 108 5.56 -14.01 8.94
C THR A 108 4.14 -13.45 8.95
N GLY A 109 3.26 -14.03 9.78
CA GLY A 109 1.83 -13.75 9.72
C GLY A 109 1.35 -12.82 10.82
N PHE A 110 2.28 -12.07 11.44
CA PHE A 110 1.94 -11.11 12.48
C PHE A 110 2.56 -9.75 12.15
N SER A 111 1.74 -8.69 12.29
CA SER A 111 2.18 -7.33 12.09
C SER A 111 2.58 -6.70 13.42
N LEU A 112 3.82 -6.23 13.52
CA LEU A 112 4.32 -5.60 14.74
C LEU A 112 3.64 -4.24 14.94
N ALA A 113 3.25 -3.59 13.84
CA ALA A 113 2.73 -2.23 13.86
C ALA A 113 1.22 -2.22 14.09
N LEU A 114 0.50 -3.16 13.44
CA LEU A 114 -0.95 -3.16 13.44
C LEU A 114 -1.50 -4.17 14.45
N GLY A 115 -0.78 -5.28 14.66
CA GLY A 115 -1.22 -6.31 15.59
C GLY A 115 -2.53 -6.96 15.12
N ILE A 116 -3.52 -6.96 16.00
CA ILE A 116 -4.85 -7.49 15.71
C ILE A 116 -5.49 -6.67 14.58
N GLY A 117 -5.14 -5.38 14.49
CA GLY A 117 -5.70 -4.49 13.48
C GLY A 117 -5.37 -4.89 12.05
N ALA A 118 -4.41 -5.82 11.89
CA ALA A 118 -4.07 -6.37 10.58
C ALA A 118 -5.24 -7.14 9.98
N LEU A 119 -5.95 -7.91 10.82
CA LEU A 119 -7.02 -8.78 10.37
C LEU A 119 -8.21 -7.96 9.88
N THR A 120 -8.93 -8.52 8.90
CA THR A 120 -10.12 -7.90 8.33
C THR A 120 -11.29 -8.10 9.29
N ALA A 121 -12.19 -7.10 9.34
CA ALA A 121 -13.40 -7.19 10.14
C ALA A 121 -14.45 -8.00 9.39
N ILE A 122 -15.03 -8.99 10.07
CA ILE A 122 -16.03 -9.88 9.48
C ILE A 122 -17.29 -9.09 9.14
N ALA A 123 -18.00 -9.54 8.10
CA ALA A 123 -19.25 -8.94 7.67
C ALA A 123 -20.33 -9.20 8.72
N ALA A 124 -21.20 -8.21 8.93
CA ALA A 124 -22.23 -8.26 9.95
C ALA A 124 -23.48 -8.94 9.40
N SER A 125 -24.56 -8.91 10.19
CA SER A 125 -25.82 -9.53 9.82
C SER A 125 -26.39 -8.87 8.56
N ALA A 126 -26.99 -9.69 7.68
CA ALA A 126 -27.61 -9.20 6.46
C ALA A 126 -28.89 -8.42 6.79
N ALA A 127 -29.57 -8.84 7.87
CA ALA A 127 -30.78 -8.18 8.34
C ALA A 127 -30.43 -6.78 8.87
N VAL B 12 -16.23 6.74 -24.10
CA VAL B 12 -16.92 6.68 -22.78
C VAL B 12 -18.43 6.66 -23.02
N ASP B 13 -19.13 5.78 -22.29
CA ASP B 13 -20.58 5.72 -22.28
C ASP B 13 -21.10 6.74 -21.27
N PRO B 14 -22.26 7.38 -21.50
CA PRO B 14 -22.75 8.47 -20.63
C PRO B 14 -23.02 8.10 -19.16
N ASP B 15 -23.24 6.81 -18.89
CA ASP B 15 -23.54 6.35 -17.54
C ASP B 15 -22.30 5.76 -16.86
N ASP B 16 -21.15 5.78 -17.55
CA ASP B 16 -19.92 5.28 -16.98
C ASP B 16 -19.40 6.28 -15.95
N ARG B 17 -18.76 5.74 -14.90
CA ARG B 17 -18.19 6.54 -13.83
C ARG B 17 -16.72 6.17 -13.68
N VAL B 18 -15.87 7.21 -13.52
CA VAL B 18 -14.43 7.06 -13.52
C VAL B 18 -13.91 7.46 -12.14
N TYR B 19 -12.93 6.70 -11.63
CA TYR B 19 -12.35 6.95 -10.32
C TYR B 19 -10.83 6.89 -10.40
N ILE B 20 -10.17 7.60 -9.48
CA ILE B 20 -8.81 7.27 -9.07
C ILE B 20 -8.91 6.13 -8.05
N VAL B 21 -8.01 5.14 -8.16
CA VAL B 21 -8.00 4.03 -7.22
C VAL B 21 -6.59 3.90 -6.63
N ARG B 22 -6.54 3.39 -5.41
CA ARG B 22 -5.31 3.28 -4.64
C ARG B 22 -5.17 1.84 -4.16
N ALA B 23 -4.04 1.21 -4.52
CA ALA B 23 -3.74 -0.17 -4.14
C ALA B 23 -2.44 -0.20 -3.35
N GLN B 24 -2.56 -0.33 -2.03
CA GLN B 24 -1.40 -0.45 -1.16
C GLN B 24 -0.73 -1.80 -1.41
N ARG B 25 0.52 -1.75 -1.90
CA ARG B 25 1.37 -2.92 -2.00
C ARG B 25 2.42 -2.83 -0.89
N PRO B 26 3.24 -3.88 -0.66
CA PRO B 26 4.16 -3.90 0.48
C PRO B 26 5.11 -2.70 0.57
N THR B 27 5.83 -2.44 -0.53
CA THR B 27 6.94 -1.51 -0.54
C THR B 27 6.55 -0.16 -1.14
N TYR B 28 5.35 -0.07 -1.73
CA TYR B 28 4.90 1.16 -2.35
C TYR B 28 3.38 1.13 -2.56
N VAL B 29 2.84 2.21 -3.13
CA VAL B 29 1.41 2.34 -3.37
C VAL B 29 1.16 2.42 -4.87
N HIS B 30 0.25 1.58 -5.37
CA HIS B 30 -0.10 1.55 -6.77
C HIS B 30 -1.31 2.44 -7.07
N TRP B 31 -1.06 3.55 -7.79
CA TRP B 31 -2.11 4.46 -8.22
C TRP B 31 -2.55 4.09 -9.63
N ALA B 32 -3.86 4.21 -9.90
CA ALA B 32 -4.42 3.85 -11.20
C ALA B 32 -5.73 4.61 -11.42
N ILE B 33 -6.23 4.56 -12.66
CA ILE B 33 -7.52 5.16 -13.00
C ILE B 33 -8.43 4.06 -13.53
N ARG B 34 -9.65 3.99 -13.00
CA ARG B 34 -10.59 2.93 -13.32
C ARG B 34 -11.88 3.53 -13.87
N LYS B 35 -12.49 2.85 -14.85
CA LYS B 35 -13.81 3.20 -15.35
C LYS B 35 -14.77 2.05 -15.11
N VAL B 36 -15.83 2.32 -14.34
CA VAL B 36 -16.84 1.32 -14.01
C VAL B 36 -18.10 1.61 -14.84
N ALA B 37 -18.70 0.54 -15.38
CA ALA B 37 -19.88 0.65 -16.21
C ALA B 37 -21.12 0.30 -15.40
N PRO B 38 -22.35 0.55 -15.93
CA PRO B 38 -23.59 0.27 -15.20
C PRO B 38 -23.77 -1.18 -14.76
N ASP B 39 -23.29 -2.13 -15.58
CA ASP B 39 -23.48 -3.55 -15.32
C ASP B 39 -22.49 -4.04 -14.27
N GLY B 40 -21.43 -3.26 -14.00
CA GLY B 40 -20.49 -3.56 -12.94
C GLY B 40 -19.08 -3.84 -13.47
N SER B 41 -18.96 -4.10 -14.77
CA SER B 41 -17.68 -4.37 -15.41
C SER B 41 -16.78 -3.13 -15.33
N ALA B 42 -15.47 -3.36 -15.21
CA ALA B 42 -14.51 -2.29 -14.97
C ALA B 42 -13.26 -2.49 -15.81
N LYS B 43 -12.70 -1.36 -16.28
CA LYS B 43 -11.38 -1.33 -16.89
C LYS B 43 -10.49 -0.41 -16.05
N GLN B 44 -9.17 -0.64 -16.10
CA GLN B 44 -8.24 0.09 -15.26
C GLN B 44 -6.92 0.29 -16.01
N ILE B 45 -6.39 1.52 -15.95
CA ILE B 45 -5.15 1.87 -16.62
C ILE B 45 -4.16 2.42 -15.60
N SER B 46 -2.89 2.03 -15.75
CA SER B 46 -1.79 2.57 -14.97
C SER B 46 -0.48 2.29 -15.70
N LEU B 47 0.62 2.15 -14.93
CA LEU B 47 1.92 1.82 -15.49
C LEU B 47 2.23 0.34 -15.21
N SER B 48 2.57 -0.39 -16.29
CA SER B 48 3.19 -1.70 -16.20
C SER B 48 4.61 -1.58 -16.77
N ARG B 49 5.30 -2.72 -16.92
CA ARG B 49 6.64 -2.73 -17.49
C ARG B 49 6.76 -3.87 -18.50
N SER B 50 7.65 -3.66 -19.48
CA SER B 50 8.16 -4.73 -20.33
C SER B 50 9.68 -4.73 -20.24
N GLY B 51 10.23 -5.71 -19.51
CA GLY B 51 11.63 -5.71 -19.14
C GLY B 51 11.89 -4.70 -18.02
N ILE B 52 12.74 -3.71 -18.28
CA ILE B 52 12.97 -2.62 -17.34
C ILE B 52 12.37 -1.33 -17.90
N GLN B 53 11.54 -1.46 -18.95
CA GLN B 53 10.92 -0.31 -19.60
C GLN B 53 9.47 -0.21 -19.16
N ALA B 54 9.12 0.88 -18.45
CA ALA B 54 7.75 1.13 -18.03
C ALA B 54 6.94 1.66 -19.21
N LEU B 55 5.64 1.32 -19.24
CA LEU B 55 4.73 1.83 -20.25
C LEU B 55 3.31 1.88 -19.68
N VAL B 56 2.45 2.66 -20.35
CA VAL B 56 1.05 2.80 -19.96
C VAL B 56 0.28 1.61 -20.52
N ALA B 57 -0.49 0.94 -19.66
CA ALA B 57 -1.15 -0.31 -20.05
C ALA B 57 -2.41 -0.52 -19.22
N LEU B 58 -3.34 -1.28 -19.80
CA LEU B 58 -4.52 -1.78 -19.09
C LEU B 58 -4.07 -2.83 -18.06
N GLU B 59 -4.88 -2.99 -17.01
CA GLU B 59 -4.59 -3.96 -15.97
C GLU B 59 -5.90 -4.42 -15.35
N PRO B 60 -5.94 -5.59 -14.68
CA PRO B 60 -7.13 -6.01 -13.93
C PRO B 60 -7.46 -5.03 -12.81
N PRO B 61 -8.76 -4.70 -12.57
CA PRO B 61 -9.14 -3.82 -11.47
C PRO B 61 -8.55 -4.25 -10.12
N GLU B 62 -8.03 -3.28 -9.38
CA GLU B 62 -7.29 -3.53 -8.16
C GLU B 62 -7.24 -2.25 -7.33
N GLY B 63 -7.37 -2.40 -6.01
CA GLY B 63 -7.28 -1.27 -5.08
C GLY B 63 -8.66 -0.69 -4.77
N GLU B 64 -8.66 0.34 -3.91
CA GLU B 64 -9.88 0.91 -3.37
C GLU B 64 -10.13 2.27 -4.00
N PRO B 65 -11.40 2.64 -4.30
CA PRO B 65 -11.72 3.99 -4.79
C PRO B 65 -11.16 5.08 -3.88
N TYR B 66 -10.42 6.01 -4.48
CA TYR B 66 -9.76 7.11 -3.78
C TYR B 66 -10.57 8.39 -3.96
N LEU B 67 -10.89 8.71 -5.23
CA LEU B 67 -11.63 9.92 -5.59
C LEU B 67 -12.33 9.69 -6.92
N GLU B 68 -13.57 10.18 -7.04
CA GLU B 68 -14.30 10.12 -8.29
C GLU B 68 -14.03 11.39 -9.10
N ILE B 69 -13.92 11.21 -10.42
CA ILE B 69 -13.55 12.29 -11.33
C ILE B 69 -14.51 12.27 -12.52
N LEU B 70 -14.42 13.30 -13.36
CA LEU B 70 -15.27 13.40 -14.54
C LEU B 70 -14.86 12.36 -15.57
N PRO B 71 -15.82 11.74 -16.29
CA PRO B 71 -15.51 10.64 -17.22
C PRO B 71 -14.50 10.97 -18.32
N SER B 72 -14.47 12.23 -18.77
CA SER B 72 -13.63 12.65 -19.88
C SER B 72 -12.14 12.47 -19.56
N HIS B 73 -11.80 12.35 -18.27
CA HIS B 73 -10.45 12.03 -17.84
C HIS B 73 -9.97 10.68 -18.32
N TRP B 74 -10.90 9.73 -18.45
CA TRP B 74 -10.61 8.38 -18.93
C TRP B 74 -9.98 8.43 -20.32
N THR B 75 -10.53 9.30 -21.18
CA THR B 75 -10.11 9.39 -22.57
C THR B 75 -8.62 9.74 -22.64
N LEU B 76 -8.17 10.64 -21.75
CA LEU B 76 -6.78 11.07 -21.72
C LEU B 76 -5.87 9.87 -21.47
N ALA B 77 -6.24 9.04 -20.48
CA ALA B 77 -5.47 7.88 -20.09
C ALA B 77 -5.51 6.81 -21.20
N GLU B 78 -6.67 6.73 -21.87
CA GLU B 78 -6.87 5.74 -22.92
C GLU B 78 -5.98 6.08 -24.12
N LEU B 79 -5.77 7.39 -24.36
CA LEU B 79 -5.00 7.87 -25.50
C LEU B 79 -3.50 7.69 -25.28
N GLN B 80 -3.07 7.39 -24.04
CA GLN B 80 -1.66 7.22 -23.73
C GLN B 80 -1.29 5.73 -23.64
N LEU B 81 -2.25 4.84 -23.94
CA LEU B 81 -1.99 3.41 -23.91
C LEU B 81 -0.90 3.06 -24.91
N GLY B 82 0.22 2.54 -24.42
CA GLY B 82 1.34 2.16 -25.27
C GLY B 82 2.55 3.07 -25.09
N ASN B 83 2.29 4.32 -24.66
CA ASN B 83 3.34 5.29 -24.41
C ASN B 83 4.38 4.68 -23.46
N LYS B 84 5.66 4.95 -23.74
CA LYS B 84 6.74 4.53 -22.87
C LYS B 84 6.94 5.59 -21.80
N TRP B 85 7.40 5.16 -20.61
CA TRP B 85 7.44 6.01 -19.43
C TRP B 85 8.82 5.93 -18.78
N GLU B 86 9.40 7.11 -18.49
CA GLU B 86 10.67 7.21 -17.78
C GLU B 86 10.39 7.10 -16.28
N TYR B 87 10.50 5.86 -15.76
CA TYR B 87 10.15 5.57 -14.37
C TYR B 87 11.29 6.02 -13.46
N SER B 88 10.94 6.74 -12.39
CA SER B 88 11.91 7.21 -11.41
C SER B 88 11.20 7.55 -10.09
N ALA B 89 11.97 8.03 -9.11
CA ALA B 89 11.43 8.46 -7.83
C ALA B 89 10.50 9.66 -8.02
N THR B 90 10.82 10.52 -9.00
CA THR B 90 10.08 11.75 -9.24
C THR B 90 9.17 11.60 -10.46
N ASN B 91 8.96 10.36 -10.93
CA ASN B 91 8.12 10.11 -12.10
C ASN B 91 7.67 8.64 -12.07
N ASN B 92 6.46 8.41 -11.57
CA ASN B 92 5.99 7.06 -11.26
C ASN B 92 4.46 7.02 -11.43
N CYS B 93 3.81 6.03 -10.79
CA CYS B 93 2.36 5.86 -10.86
C CYS B 93 1.65 7.15 -10.47
N THR B 94 2.12 7.76 -9.37
CA THR B 94 1.55 8.99 -8.83
C THR B 94 1.47 10.06 -9.93
N HIS B 95 2.60 10.28 -10.62
CA HIS B 95 2.71 11.33 -11.61
C HIS B 95 1.93 11.05 -12.88
N PHE B 96 1.71 9.77 -13.20
CA PHE B 96 0.86 9.38 -14.32
C PHE B 96 -0.56 9.87 -14.08
N VAL B 97 -1.08 9.64 -12.88
CA VAL B 97 -2.47 9.90 -12.56
C VAL B 97 -2.68 11.39 -12.31
N SER B 98 -1.66 12.06 -11.75
CA SER B 98 -1.72 13.50 -11.50
C SER B 98 -1.83 14.29 -12.80
N SER B 99 -1.01 13.91 -13.79
CA SER B 99 -0.99 14.58 -15.09
C SER B 99 -2.33 14.43 -15.81
N ILE B 100 -2.99 13.28 -15.61
CA ILE B 100 -4.28 13.00 -16.24
C ILE B 100 -5.37 13.78 -15.51
N THR B 101 -5.50 13.52 -14.20
CA THR B 101 -6.64 13.99 -13.41
C THR B 101 -6.47 15.46 -13.01
N GLY B 102 -5.23 15.86 -12.75
CA GLY B 102 -4.94 17.20 -12.25
C GLY B 102 -5.28 17.34 -10.77
N GLU B 103 -5.27 16.21 -10.06
CA GLU B 103 -5.43 16.19 -8.61
C GLU B 103 -4.07 15.89 -7.99
N SER B 104 -3.77 16.53 -6.85
CA SER B 104 -2.49 16.39 -6.19
C SER B 104 -2.47 15.12 -5.36
N LEU B 105 -1.62 14.16 -5.76
CA LEU B 105 -1.44 12.92 -5.03
C LEU B 105 -0.12 12.96 -4.28
N PRO B 106 0.00 12.31 -3.10
CA PRO B 106 1.28 12.16 -2.40
C PRO B 106 2.19 11.17 -3.12
N ASN B 107 3.49 11.49 -3.16
CA ASN B 107 4.45 10.72 -3.95
C ASN B 107 4.82 9.45 -3.18
N THR B 108 3.93 8.45 -3.26
CA THR B 108 4.10 7.18 -2.56
C THR B 108 4.13 6.03 -3.56
N GLY B 109 4.34 6.35 -4.83
CA GLY B 109 4.18 5.40 -5.92
C GLY B 109 5.50 4.85 -6.45
N PHE B 110 6.57 4.98 -5.64
CA PHE B 110 7.87 4.46 -6.00
C PHE B 110 8.41 3.59 -4.85
N SER B 111 8.94 2.41 -5.21
CA SER B 111 9.55 1.51 -4.24
C SER B 111 11.05 1.74 -4.20
N LEU B 112 11.56 2.03 -2.99
CA LEU B 112 12.98 2.29 -2.79
C LEU B 112 13.77 1.00 -2.94
N ALA B 113 13.13 -0.14 -2.62
CA ALA B 113 13.80 -1.43 -2.59
C ALA B 113 13.77 -2.10 -3.97
N LEU B 114 12.62 -2.01 -4.66
CA LEU B 114 12.38 -2.77 -5.88
C LEU B 114 12.59 -1.90 -7.12
N GLY B 115 12.29 -0.59 -7.01
CA GLY B 115 12.42 0.31 -8.13
C GLY B 115 11.45 -0.04 -9.26
N ILE B 116 11.99 -0.23 -10.46
CA ILE B 116 11.21 -0.64 -11.63
C ILE B 116 10.58 -2.02 -11.38
N GLY B 117 11.26 -2.85 -10.60
CA GLY B 117 10.81 -4.22 -10.32
C GLY B 117 9.46 -4.27 -9.60
N ALA B 118 9.02 -3.12 -9.07
CA ALA B 118 7.71 -3.01 -8.43
C ALA B 118 6.59 -3.27 -9.43
N LEU B 119 6.73 -2.73 -10.65
CA LEU B 119 5.67 -2.78 -11.66
C LEU B 119 5.47 -4.21 -12.14
N THR B 120 4.23 -4.53 -12.51
CA THR B 120 3.87 -5.82 -13.07
C THR B 120 4.35 -5.91 -14.52
N ALA B 121 4.75 -7.12 -14.93
CA ALA B 121 5.14 -7.38 -16.31
C ALA B 121 3.89 -7.58 -17.16
N ILE B 122 3.81 -6.83 -18.28
CA ILE B 122 2.61 -6.74 -19.08
C ILE B 122 2.35 -8.06 -19.79
N ALA B 123 1.07 -8.36 -20.03
CA ALA B 123 0.66 -9.60 -20.67
C ALA B 123 1.26 -9.70 -22.08
N ASP C 13 28.61 14.70 -0.04
CA ASP C 13 29.60 15.01 -1.09
C ASP C 13 29.76 16.53 -1.16
N PRO C 14 30.97 17.06 -1.45
CA PRO C 14 31.21 18.51 -1.41
C PRO C 14 30.39 19.37 -2.37
N ASP C 15 29.87 18.76 -3.44
CA ASP C 15 29.10 19.49 -4.44
C ASP C 15 27.60 19.29 -4.23
N ASP C 16 27.21 18.54 -3.19
CA ASP C 16 25.81 18.34 -2.88
C ASP C 16 25.22 19.62 -2.29
N ARG C 17 23.93 19.85 -2.58
CA ARG C 17 23.20 21.02 -2.10
C ARG C 17 21.94 20.55 -1.38
N VAL C 18 21.67 21.15 -0.21
CA VAL C 18 20.59 20.72 0.66
C VAL C 18 19.56 21.84 0.76
N TYR C 19 18.27 21.47 0.76
CA TYR C 19 17.18 22.42 0.80
C TYR C 19 16.14 21.98 1.83
N ILE C 20 15.40 22.96 2.37
CA ILE C 20 14.09 22.72 2.94
C ILE C 20 13.09 22.70 1.78
N VAL C 21 12.15 21.75 1.80
CA VAL C 21 11.13 21.68 0.76
C VAL C 21 9.75 21.67 1.41
N ARG C 22 8.77 22.20 0.67
CA ARG C 22 7.41 22.38 1.15
C ARG C 22 6.47 21.71 0.16
N ALA C 23 5.65 20.78 0.65
CA ALA C 23 4.68 20.06 -0.16
C ALA C 23 3.28 20.29 0.40
N GLN C 24 2.53 21.17 -0.26
CA GLN C 24 1.14 21.43 0.12
C GLN C 24 0.31 20.20 -0.19
N ARG C 25 -0.26 19.60 0.87
CA ARG C 25 -1.25 18.54 0.73
C ARG C 25 -2.61 19.14 1.08
N PRO C 26 -3.73 18.42 0.85
CA PRO C 26 -5.07 18.98 1.06
C PRO C 26 -5.31 19.57 2.46
N THR C 27 -5.03 18.77 3.49
CA THR C 27 -5.44 19.10 4.86
C THR C 27 -4.29 19.69 5.66
N TYR C 28 -3.06 19.64 5.13
CA TYR C 28 -1.89 20.13 5.85
C TYR C 28 -0.73 20.34 4.88
N VAL C 29 0.41 20.80 5.41
CA VAL C 29 1.59 21.05 4.62
C VAL C 29 2.70 20.10 5.06
N HIS C 30 3.32 19.40 4.09
CA HIS C 30 4.40 18.48 4.37
C HIS C 30 5.77 19.15 4.23
N TRP C 31 6.45 19.32 5.37
CA TRP C 31 7.81 19.87 5.40
C TRP C 31 8.82 18.74 5.40
N ALA C 32 9.94 18.93 4.70
CA ALA C 32 10.97 17.91 4.58
C ALA C 32 12.31 18.57 4.25
N ILE C 33 13.39 17.78 4.34
CA ILE C 33 14.72 18.23 3.97
C ILE C 33 15.23 17.32 2.86
N ARG C 34 15.74 17.93 1.78
CA ARG C 34 16.18 17.22 0.59
C ARG C 34 17.64 17.53 0.31
N LYS C 35 18.38 16.53 -0.17
CA LYS C 35 19.75 16.71 -0.65
C LYS C 35 19.81 16.35 -2.13
N VAL C 36 20.18 17.31 -2.98
CA VAL C 36 20.30 17.12 -4.41
C VAL C 36 21.78 17.01 -4.76
N ALA C 37 22.11 16.05 -5.66
CA ALA C 37 23.48 15.81 -6.07
C ALA C 37 23.73 16.45 -7.43
N PRO C 38 24.99 16.51 -7.91
CA PRO C 38 25.32 17.12 -9.20
C PRO C 38 24.60 16.52 -10.41
N ASP C 39 24.38 15.20 -10.37
CA ASP C 39 23.78 14.49 -11.50
C ASP C 39 22.27 14.68 -11.53
N GLY C 40 21.70 15.15 -10.40
CA GLY C 40 20.28 15.49 -10.34
C GLY C 40 19.49 14.59 -9.38
N SER C 41 20.10 13.47 -8.98
CA SER C 41 19.46 12.54 -8.05
C SER C 41 19.28 13.21 -6.69
N ALA C 42 18.21 12.84 -5.99
CA ALA C 42 17.82 13.50 -4.75
C ALA C 42 17.39 12.47 -3.71
N LYS C 43 17.70 12.76 -2.44
CA LYS C 43 17.18 12.03 -1.30
C LYS C 43 16.42 13.03 -0.43
N GLN C 44 15.44 12.54 0.35
CA GLN C 44 14.58 13.40 1.14
C GLN C 44 14.20 12.70 2.43
N ILE C 45 14.27 13.44 3.55
CA ILE C 45 13.94 12.92 4.87
C ILE C 45 12.87 13.79 5.50
N SER C 46 11.92 13.13 6.19
CA SER C 46 10.90 13.79 6.98
C SER C 46 10.32 12.78 7.97
N LEU C 47 9.04 12.95 8.34
CA LEU C 47 8.35 12.03 9.22
C LEU C 47 7.40 11.15 8.40
N SER C 48 7.54 9.83 8.59
CA SER C 48 6.56 8.85 8.16
C SER C 48 5.97 8.19 9.41
N ARG C 49 5.15 7.15 9.23
CA ARG C 49 4.58 6.43 10.36
C ARG C 49 4.66 4.92 10.11
N SER C 50 4.72 4.17 11.22
CA SER C 50 4.47 2.74 11.22
C SER C 50 3.35 2.44 12.21
N GLY C 51 2.15 2.17 11.70
CA GLY C 51 0.97 2.11 12.53
C GLY C 51 0.50 3.50 12.92
N ILE C 52 0.47 3.78 14.23
CA ILE C 52 0.16 5.10 14.74
C ILE C 52 1.41 5.74 15.33
N GLN C 53 2.57 5.12 15.07
CA GLN C 53 3.85 5.58 15.60
C GLN C 53 4.62 6.30 14.49
N ALA C 54 4.83 7.60 14.67
CA ALA C 54 5.60 8.40 13.73
C ALA C 54 7.09 8.14 13.96
N LEU C 55 7.87 8.19 12.87
CA LEU C 55 9.32 8.06 12.96
C LEU C 55 9.97 8.82 11.80
N VAL C 56 11.27 9.09 11.95
CA VAL C 56 12.06 9.78 10.94
C VAL C 56 12.46 8.77 9.88
N ALA C 57 12.20 9.09 8.60
CA ALA C 57 12.40 8.13 7.52
C ALA C 57 12.68 8.85 6.21
N LEU C 58 13.37 8.15 5.30
CA LEU C 58 13.55 8.59 3.93
C LEU C 58 12.20 8.52 3.20
N GLU C 59 12.07 9.32 2.14
CA GLU C 59 10.87 9.34 1.33
C GLU C 59 11.24 9.79 -0.08
N PRO C 60 10.41 9.47 -1.11
CA PRO C 60 10.62 10.00 -2.46
C PRO C 60 10.55 11.52 -2.48
N PRO C 61 11.44 12.21 -3.24
CA PRO C 61 11.39 13.67 -3.37
C PRO C 61 10.01 14.19 -3.73
N GLU C 62 9.58 15.25 -3.05
CA GLU C 62 8.23 15.78 -3.16
C GLU C 62 8.20 17.21 -2.64
N GLY C 63 7.45 18.08 -3.32
CA GLY C 63 7.28 19.46 -2.90
C GLY C 63 8.27 20.39 -3.57
N GLU C 64 8.16 21.69 -3.25
CA GLU C 64 8.90 22.74 -3.93
C GLU C 64 9.99 23.28 -3.01
N PRO C 65 11.19 23.61 -3.53
CA PRO C 65 12.24 24.23 -2.72
C PRO C 65 11.74 25.47 -1.99
N TYR C 66 11.97 25.50 -0.66
CA TYR C 66 11.52 26.57 0.21
C TYR C 66 12.69 27.49 0.54
N LEU C 67 13.80 26.88 0.99
CA LEU C 67 14.99 27.60 1.38
C LEU C 67 16.20 26.66 1.26
N GLU C 68 17.33 27.19 0.77
CA GLU C 68 18.57 26.43 0.70
C GLU C 68 19.35 26.64 2.00
N ILE C 69 20.00 25.57 2.46
CA ILE C 69 20.72 25.56 3.72
C ILE C 69 22.08 24.93 3.50
N LEU C 70 22.94 24.97 4.53
CA LEU C 70 24.27 24.40 4.45
C LEU C 70 24.18 22.88 4.46
N PRO C 71 25.04 22.16 3.68
CA PRO C 71 24.97 20.71 3.57
C PRO C 71 25.05 19.93 4.89
N SER C 72 25.78 20.46 5.87
CA SER C 72 26.02 19.77 7.13
C SER C 72 24.73 19.53 7.90
N HIS C 73 23.68 20.29 7.57
CA HIS C 73 22.35 20.07 8.13
C HIS C 73 21.77 18.70 7.77
N TRP C 74 22.12 18.19 6.59
CA TRP C 74 21.68 16.89 6.12
C TRP C 74 22.10 15.79 7.10
N THR C 75 23.34 15.89 7.59
CA THR C 75 23.92 14.87 8.45
C THR C 75 23.08 14.72 9.72
N LEU C 76 22.60 15.84 10.26
CA LEU C 76 21.76 15.83 11.46
C LEU C 76 20.51 15.00 11.23
N ALA C 77 19.84 15.23 10.09
CA ALA C 77 18.61 14.55 9.74
C ALA C 77 18.90 13.07 9.45
N GLU C 78 20.06 12.80 8.86
CA GLU C 78 20.46 11.44 8.49
C GLU C 78 20.70 10.61 9.75
N LEU C 79 21.21 11.28 10.81
CA LEU C 79 21.55 10.61 12.05
C LEU C 79 20.31 10.30 12.89
N GLN C 80 19.16 10.88 12.53
CA GLN C 80 17.93 10.65 13.27
C GLN C 80 17.03 9.64 12.56
N LEU C 81 17.52 9.05 11.46
CA LEU C 81 16.76 8.05 10.72
C LEU C 81 16.48 6.85 11.63
N GLY C 82 15.19 6.60 11.89
CA GLY C 82 14.77 5.50 12.73
C GLY C 82 14.18 5.97 14.06
N ASN C 83 14.60 7.16 14.51
CA ASN C 83 14.11 7.76 15.74
C ASN C 83 12.59 7.80 15.72
N LYS C 84 11.99 7.50 16.87
CA LYS C 84 10.55 7.59 17.04
C LYS C 84 10.17 9.02 17.40
N TRP C 85 8.96 9.43 17.01
CA TRP C 85 8.53 10.82 17.11
C TRP C 85 7.15 10.89 17.75
N GLU C 86 7.01 11.75 18.78
CA GLU C 86 5.72 12.02 19.40
C GLU C 86 4.96 13.05 18.57
N TYR C 87 4.11 12.57 17.66
CA TYR C 87 3.41 13.42 16.71
C TYR C 87 2.23 14.09 17.41
N SER C 88 2.10 15.40 17.23
CA SER C 88 1.01 16.17 17.81
C SER C 88 0.85 17.49 17.05
N ALA C 89 -0.10 18.33 17.51
CA ALA C 89 -0.32 19.64 16.93
C ALA C 89 0.90 20.54 17.13
N THR C 90 1.59 20.35 18.27
CA THR C 90 2.73 21.17 18.63
C THR C 90 4.05 20.44 18.39
N ASN C 91 4.00 19.33 17.64
CA ASN C 91 5.19 18.55 17.36
C ASN C 91 4.92 17.69 16.12
N ASN C 92 5.38 18.17 14.96
CA ASN C 92 5.01 17.60 13.67
C ASN C 92 6.15 17.80 12.67
N CYS C 93 5.84 17.74 11.37
CA CYS C 93 6.83 17.92 10.30
C CYS C 93 7.59 19.22 10.50
N THR C 94 6.84 20.29 10.79
CA THR C 94 7.40 21.63 10.97
C THR C 94 8.52 21.59 12.00
N HIS C 95 8.23 20.99 13.16
CA HIS C 95 9.15 20.98 14.28
C HIS C 95 10.36 20.08 14.05
N PHE C 96 10.20 19.05 13.22
CA PHE C 96 11.32 18.19 12.84
C PHE C 96 12.36 19.01 12.09
N VAL C 97 11.90 19.83 11.12
CA VAL C 97 12.79 20.55 10.22
C VAL C 97 13.37 21.78 10.94
N SER C 98 12.59 22.38 11.84
CA SER C 98 13.03 23.54 12.60
C SER C 98 14.21 23.17 13.52
N SER C 99 14.08 22.04 14.21
CA SER C 99 15.10 21.57 15.14
C SER C 99 16.42 21.27 14.41
N ILE C 100 16.31 20.77 13.17
CA ILE C 100 17.47 20.44 12.36
C ILE C 100 18.10 21.73 11.83
N THR C 101 17.31 22.51 11.08
CA THR C 101 17.82 23.64 10.31
C THR C 101 18.03 24.86 11.19
N GLY C 102 17.17 25.04 12.19
CA GLY C 102 17.19 26.22 13.03
C GLY C 102 16.59 27.44 12.32
N GLU C 103 15.70 27.19 11.36
CA GLU C 103 14.93 28.23 10.71
C GLU C 103 13.49 28.15 11.22
N SER C 104 12.85 29.30 11.44
CA SER C 104 11.51 29.36 11.99
C SER C 104 10.48 29.12 10.87
N LEU C 105 9.77 28.00 10.97
CA LEU C 105 8.73 27.65 10.02
C LEU C 105 7.35 27.89 10.65
N PRO C 106 6.31 28.24 9.86
CA PRO C 106 4.95 28.34 10.38
C PRO C 106 4.35 26.95 10.64
N ASN C 107 3.60 26.82 11.74
CA ASN C 107 3.08 25.53 12.19
C ASN C 107 1.88 25.14 11.34
N THR C 108 2.16 24.63 10.14
CA THR C 108 1.11 24.24 9.19
C THR C 108 1.25 22.76 8.86
N GLY C 109 1.99 22.01 9.69
CA GLY C 109 2.39 20.65 9.38
C GLY C 109 1.58 19.59 10.11
N PHE C 110 0.40 19.99 10.61
CA PHE C 110 -0.50 19.07 11.30
C PHE C 110 -1.89 19.16 10.69
N SER C 111 -2.50 17.99 10.44
CA SER C 111 -3.86 17.91 9.92
C SER C 111 -4.85 17.73 11.07
N LEU C 112 -5.82 18.64 11.16
CA LEU C 112 -6.84 18.58 12.20
C LEU C 112 -7.78 17.40 11.97
N ALA C 113 -7.96 17.04 10.69
CA ALA C 113 -8.94 16.03 10.30
C ALA C 113 -8.34 14.63 10.35
N LEU C 114 -7.08 14.50 9.89
CA LEU C 114 -6.46 13.19 9.72
C LEU C 114 -5.52 12.87 10.88
N GLY C 115 -4.89 13.88 11.46
CA GLY C 115 -3.97 13.69 12.58
C GLY C 115 -2.73 12.90 12.14
N ILE C 116 -2.46 11.80 12.85
CA ILE C 116 -1.37 10.88 12.52
C ILE C 116 -1.58 10.28 11.14
N GLY C 117 -2.85 10.10 10.75
CA GLY C 117 -3.21 9.48 9.48
C GLY C 117 -2.72 10.28 8.27
N ALA C 118 -2.30 11.53 8.49
CA ALA C 118 -1.72 12.36 7.44
C ALA C 118 -0.42 11.74 6.90
N LEU C 119 0.41 11.23 7.82
CA LEU C 119 1.73 10.71 7.46
C LEU C 119 1.60 9.44 6.63
N THR C 120 2.57 9.24 5.73
CA THR C 120 2.63 8.07 4.89
C THR C 120 3.10 6.87 5.69
N ALA C 121 2.54 5.68 5.38
CA ALA C 121 2.95 4.44 6.01
C ALA C 121 4.21 3.92 5.35
N ILE C 122 5.25 3.64 6.17
CA ILE C 122 6.42 2.91 5.70
C ILE C 122 6.24 1.42 6.05
N ALA C 123 7.33 0.66 6.06
CA ALA C 123 7.31 -0.74 6.44
C ALA C 123 7.92 -0.91 7.84
#